data_5VDB
#
_entry.id   5VDB
#
_cell.length_a   57.335
_cell.length_b   76.121
_cell.length_c   39.149
_cell.angle_alpha   90.000
_cell.angle_beta   90.000
_cell.angle_gamma   90.000
#
_symmetry.space_group_name_H-M   'P 21 21 2'
#
loop_
_entity.id
_entity.type
_entity.pdbx_description
1 polymer 'acetyltransferase PA4794'
2 non-polymer 'SULFATE ION'
3 non-polymer '(3R,5S,9R,26S)-1-[(2R,3S,4R,5R)-5-(6-amino-9H-purin-9-yl)-4-hydroxy-3-(phosphonooxy)tetrahydrofuran-2-yl]-3,5,9-trihydroxy-8,8-dimethyl-10,14,20-trioxo-26-({[(phenylacetyl)amino]acetyl}amino)-2,4,6-trioxa-18-thia-11,15,21-triaza-3,5-diphosphaheptacosan-27-oic acid 3,5-dioxide (non-preferred name)'
4 water water
#
_entity_poly.entity_id   1
_entity_poly.type   'polypeptide(L)'
_entity_poly.pdbx_seq_one_letter_code
;GHMQLSHRPAETGDLETVAGFPQDRDELFYCYPKAIWPFSVAQLAAAIAERRGSTVAVHDGQVLGFANFYQWQHGDFCAL
GNMMVAPAARGLGVARYLIGVMENLAREQYKARLMKISCFNANAAGLLLYTQLGYQPRAIAERHDPDGRRVALIQMDKPL
E
;
_entity_poly.pdbx_strand_id   A
#
loop_
_chem_comp.id
_chem_comp.type
_chem_comp.name
_chem_comp.formula
93M non-polymer '(3R,5S,9R,26S)-1-[(2R,3S,4R,5R)-5-(6-amino-9H-purin-9-yl)-4-hydroxy-3-(phosphonooxy)tetrahydrofuran-2-yl]-3,5,9-trihydroxy-8,8-dimethyl-10,14,20-trioxo-26-({[(phenylacetyl)amino]acetyl}amino)-2,4,6-trioxa-18-thia-11,15,21-triaza-3,5-diphosphaheptacosan-27-oic acid 3,5-dioxide (non-preferred name)' 'C39 H59 N10 O21 P3 S'
SO4 non-polymer 'SULFATE ION' 'O4 S -2'
#
# COMPACT_ATOMS: atom_id res chain seq x y z
N MET A 3 16.20 -10.87 -3.51
CA MET A 3 15.48 -11.99 -2.82
C MET A 3 14.55 -12.73 -3.76
N GLN A 4 14.47 -14.05 -3.59
CA GLN A 4 13.46 -14.85 -4.29
C GLN A 4 12.10 -14.49 -3.71
N LEU A 5 11.28 -13.82 -4.52
CA LEU A 5 9.93 -13.41 -4.12
C LEU A 5 8.88 -13.99 -5.04
N SER A 6 7.74 -14.35 -4.46
CA SER A 6 6.54 -14.75 -5.20
C SER A 6 5.36 -13.95 -4.70
N HIS A 7 4.24 -14.03 -5.43
CA HIS A 7 3.02 -13.33 -5.03
C HIS A 7 1.79 -14.20 -5.25
N ARG A 8 0.76 -13.89 -4.48
CA ARG A 8 -0.55 -14.50 -4.63
C ARG A 8 -1.61 -13.63 -3.99
N PRO A 9 -2.89 -13.85 -4.31
CA PRO A 9 -3.93 -13.14 -3.59
C PRO A 9 -3.89 -13.43 -2.08
N ALA A 10 -4.19 -12.41 -1.28
CA ALA A 10 -4.28 -12.58 0.16
C ALA A 10 -5.37 -13.59 0.53
N GLU A 11 -5.09 -14.32 1.60
CA GLU A 11 -5.95 -15.39 2.13
C GLU A 11 -6.23 -15.13 3.60
N THR A 12 -7.29 -15.72 4.13
CA THR A 12 -7.66 -15.54 5.54
C THR A 12 -6.49 -15.84 6.49
N GLY A 13 -5.72 -16.88 6.22
CA GLY A 13 -4.59 -17.22 7.09
C GLY A 13 -3.50 -16.17 7.16
N ASP A 14 -3.43 -15.32 6.14
CA ASP A 14 -2.45 -14.24 6.10
C ASP A 14 -2.83 -13.05 7.00
N LEU A 15 -4.09 -12.93 7.40
CA LEU A 15 -4.57 -11.70 8.06
C LEU A 15 -3.82 -11.37 9.35
N GLU A 16 -3.60 -12.36 10.18
CA GLU A 16 -2.91 -12.18 11.47
C GLU A 16 -1.53 -11.58 11.26
N THR A 17 -0.78 -12.11 10.31
CA THR A 17 0.58 -11.66 10.06
C THR A 17 0.58 -10.23 9.50
N VAL A 18 -0.25 -10.00 8.49
CA VAL A 18 -0.30 -8.70 7.84
C VAL A 18 -0.78 -7.60 8.81
N ALA A 19 -1.77 -7.90 9.64
CA ALA A 19 -2.26 -6.95 10.65
C ALA A 19 -1.17 -6.57 11.66
N GLY A 20 -0.14 -7.41 11.79
CA GLY A 20 1.03 -7.11 12.61
C GLY A 20 2.12 -6.25 11.99
N PHE A 21 2.00 -5.91 10.71
CA PHE A 21 3.06 -5.16 10.02
C PHE A 21 3.23 -3.71 10.53
N PRO A 22 2.13 -2.94 10.66
CA PRO A 22 2.31 -1.56 11.17
C PRO A 22 2.78 -1.58 12.63
N GLN A 23 3.91 -0.95 12.90
CA GLN A 23 4.55 -1.02 14.21
C GLN A 23 4.09 0.01 15.22
N ASP A 24 3.43 1.04 14.74
CA ASP A 24 2.94 2.11 15.61
C ASP A 24 1.83 2.87 14.90
N ARG A 25 1.21 3.79 15.62
N ARG A 25 1.22 3.79 15.63
CA ARG A 25 0.12 4.61 15.09
CA ARG A 25 0.13 4.63 15.11
C ARG A 25 0.49 5.32 13.79
C ARG A 25 0.48 5.37 13.82
N ASP A 26 1.73 5.82 13.72
CA ASP A 26 2.20 6.51 12.51
C ASP A 26 2.17 5.58 11.31
N GLU A 27 2.73 4.38 11.44
CA GLU A 27 2.79 3.45 10.32
C GLU A 27 1.40 3.03 9.85
N LEU A 28 0.47 2.83 10.78
CA LEU A 28 -0.90 2.51 10.41
C LEU A 28 -1.53 3.68 9.68
N PHE A 29 -1.32 4.90 10.19
CA PHE A 29 -1.84 6.09 9.54
C PHE A 29 -1.33 6.22 8.10
N TYR A 30 -0.05 5.94 7.91
CA TYR A 30 0.57 6.07 6.57
C TYR A 30 -0.07 5.18 5.52
N CYS A 31 -0.45 3.97 5.92
CA CYS A 31 -0.98 3.00 4.94
C CYS A 31 -2.49 2.79 4.98
N TYR A 32 -3.15 3.32 6.02
CA TYR A 32 -4.58 3.09 6.24
C TYR A 32 -5.10 4.19 7.17
N PRO A 33 -5.18 5.45 6.69
CA PRO A 33 -5.54 6.55 7.60
C PRO A 33 -6.93 6.48 8.21
N LYS A 34 -7.86 5.78 7.58
CA LYS A 34 -9.21 5.61 8.12
C LYS A 34 -9.27 4.61 9.28
N ALA A 35 -8.26 3.75 9.39
CA ALA A 35 -8.21 2.79 10.50
C ALA A 35 -7.93 3.47 11.82
N ILE A 36 -8.24 2.78 12.91
N ILE A 36 -8.26 2.80 12.92
CA ILE A 36 -8.02 3.27 14.26
CA ILE A 36 -8.00 3.31 14.26
C ILE A 36 -7.06 2.30 14.95
C ILE A 36 -7.11 2.32 15.00
N TRP A 37 -6.03 2.83 15.60
CA TRP A 37 -5.09 2.02 16.35
C TRP A 37 -5.76 1.48 17.63
N PRO A 38 -5.57 0.21 17.99
CA PRO A 38 -4.69 -0.76 17.32
C PRO A 38 -5.33 -1.39 16.10
N PHE A 39 -4.48 -1.77 15.15
CA PHE A 39 -4.92 -2.46 13.97
C PHE A 39 -5.39 -3.84 14.39
N SER A 40 -6.30 -4.39 13.61
CA SER A 40 -6.91 -5.67 13.91
C SER A 40 -7.24 -6.38 12.62
N VAL A 41 -7.39 -7.69 12.72
N VAL A 41 -7.36 -7.71 12.71
CA VAL A 41 -7.79 -8.47 11.57
CA VAL A 41 -7.77 -8.49 11.56
C VAL A 41 -9.15 -8.03 11.03
C VAL A 41 -9.16 -8.08 11.04
N ALA A 42 -10.07 -7.66 11.92
CA ALA A 42 -11.39 -7.16 11.47
C ALA A 42 -11.26 -5.91 10.59
N GLN A 43 -10.39 -4.97 10.97
CA GLN A 43 -10.19 -3.78 10.16
C GLN A 43 -9.55 -4.11 8.82
N LEU A 44 -8.60 -5.04 8.84
CA LEU A 44 -7.93 -5.48 7.61
C LEU A 44 -8.90 -6.19 6.68
N ALA A 45 -9.67 -7.14 7.23
CA ALA A 45 -10.67 -7.85 6.45
C ALA A 45 -11.71 -6.90 5.83
N ALA A 46 -12.13 -5.88 6.57
CA ALA A 46 -13.07 -4.89 6.05
C ALA A 46 -12.50 -4.13 4.85
N ALA A 47 -11.24 -3.73 4.95
CA ALA A 47 -10.57 -3.10 3.81
C ALA A 47 -10.52 -4.02 2.61
N ILE A 48 -10.10 -5.25 2.82
CA ILE A 48 -10.01 -6.23 1.73
C ILE A 48 -11.37 -6.37 1.01
N ALA A 49 -12.44 -6.46 1.79
CA ALA A 49 -13.77 -6.70 1.24
C ALA A 49 -14.28 -5.54 0.38
N GLU A 50 -13.86 -4.31 0.70
CA GLU A 50 -14.33 -3.14 -0.07
C GLU A 50 -13.33 -2.62 -1.12
N ARG A 51 -12.20 -3.32 -1.24
CA ARG A 51 -11.16 -2.97 -2.19
C ARG A 51 -10.99 -4.07 -3.24
N ARG A 52 -9.98 -3.93 -4.09
CA ARG A 52 -9.63 -4.90 -5.11
C ARG A 52 -8.16 -5.24 -5.10
N GLY A 53 -7.83 -6.46 -5.54
CA GLY A 53 -6.44 -6.81 -5.79
C GLY A 53 -5.56 -6.96 -4.56
N SER A 54 -6.15 -7.36 -3.43
CA SER A 54 -5.35 -7.58 -2.23
C SER A 54 -4.38 -8.75 -2.46
N THR A 55 -3.08 -8.43 -2.39
CA THR A 55 -2.00 -9.31 -2.81
C THR A 55 -0.91 -9.37 -1.75
N VAL A 56 -0.35 -10.55 -1.51
CA VAL A 56 0.82 -10.71 -0.65
C VAL A 56 2.08 -11.07 -1.43
N ALA A 57 3.22 -10.62 -0.91
CA ALA A 57 4.54 -11.04 -1.37
C ALA A 57 5.10 -12.02 -0.35
N VAL A 58 5.69 -13.10 -0.87
CA VAL A 58 6.18 -14.21 -0.05
C VAL A 58 7.65 -14.50 -0.36
N HIS A 59 8.45 -14.71 0.69
CA HIS A 59 9.85 -15.16 0.55
C HIS A 59 10.17 -16.17 1.64
N ASP A 60 10.77 -17.30 1.25
CA ASP A 60 11.22 -18.32 2.20
C ASP A 60 10.08 -18.74 3.14
N GLY A 61 8.90 -18.94 2.55
CA GLY A 61 7.71 -19.33 3.31
C GLY A 61 7.08 -18.27 4.21
N GLN A 62 7.51 -17.03 4.13
CA GLN A 62 7.01 -15.96 5.00
C GLN A 62 6.29 -14.92 4.18
N VAL A 63 5.10 -14.53 4.63
CA VAL A 63 4.39 -13.38 4.06
C VAL A 63 5.09 -12.12 4.54
N LEU A 64 5.66 -11.34 3.62
CA LEU A 64 6.45 -10.15 3.96
C LEU A 64 5.86 -8.83 3.50
N GLY A 65 4.91 -8.85 2.58
CA GLY A 65 4.33 -7.61 2.06
C GLY A 65 2.89 -7.75 1.65
N PHE A 66 2.17 -6.63 1.64
CA PHE A 66 0.75 -6.58 1.31
C PHE A 66 0.43 -5.25 0.63
N ALA A 67 -0.47 -5.28 -0.33
CA ALA A 67 -1.00 -4.06 -0.96
C ALA A 67 -2.35 -4.36 -1.62
N ASN A 68 -3.10 -3.31 -1.94
CA ASN A 68 -4.34 -3.42 -2.70
C ASN A 68 -4.65 -2.12 -3.45
N PHE A 69 -5.78 -2.10 -4.16
CA PHE A 69 -6.30 -0.90 -4.80
C PHE A 69 -7.55 -0.42 -4.07
N TYR A 70 -7.61 0.87 -3.73
CA TYR A 70 -8.86 1.46 -3.24
C TYR A 70 -9.63 2.29 -4.26
N GLN A 71 -9.02 2.54 -5.43
N GLN A 71 -9.01 2.54 -5.42
CA GLN A 71 -9.72 3.07 -6.60
CA GLN A 71 -9.71 3.04 -6.60
C GLN A 71 -9.28 2.24 -7.80
C GLN A 71 -9.28 2.20 -7.78
N TRP A 72 -10.23 1.93 -8.67
CA TRP A 72 -9.96 1.18 -9.88
C TRP A 72 -10.98 1.70 -10.89
N GLN A 73 -10.47 2.18 -12.01
CA GLN A 73 -11.29 2.75 -13.07
C GLN A 73 -10.78 2.17 -14.37
N HIS A 74 -11.57 1.26 -14.95
CA HIS A 74 -11.14 0.53 -16.14
C HIS A 74 -10.77 1.49 -17.27
N GLY A 75 -9.62 1.24 -17.89
CA GLY A 75 -9.12 2.06 -18.97
C GLY A 75 -8.45 3.35 -18.53
N ASP A 76 -8.34 3.58 -17.22
CA ASP A 76 -7.98 4.88 -16.69
C ASP A 76 -6.84 4.76 -15.70
N PHE A 77 -7.14 4.42 -14.45
CA PHE A 77 -6.13 4.37 -13.41
C PHE A 77 -6.54 3.45 -12.29
N CYS A 78 -5.57 3.03 -11.51
CA CYS A 78 -5.80 2.46 -10.18
C CYS A 78 -5.05 3.30 -9.16
N ALA A 79 -5.55 3.28 -7.93
CA ALA A 79 -4.87 3.92 -6.79
C ALA A 79 -4.50 2.87 -5.77
N LEU A 80 -3.23 2.84 -5.40
CA LEU A 80 -2.67 1.83 -4.50
C LEU A 80 -2.76 2.27 -3.06
N GLY A 81 -3.17 1.35 -2.19
CA GLY A 81 -3.22 1.62 -0.76
C GLY A 81 -2.85 0.41 0.07
N ASN A 82 -2.90 0.59 1.39
CA ASN A 82 -2.55 -0.45 2.36
C ASN A 82 -1.16 -1.08 2.09
N MET A 83 -0.21 -0.29 1.58
CA MET A 83 1.11 -0.81 1.26
C MET A 83 1.87 -0.99 2.57
N MET A 84 2.26 -2.22 2.88
CA MET A 84 2.93 -2.49 4.16
C MET A 84 3.83 -3.73 4.07
N VAL A 85 4.96 -3.64 4.75
CA VAL A 85 5.99 -4.67 4.75
C VAL A 85 6.40 -4.98 6.19
N ALA A 86 6.62 -6.25 6.44
CA ALA A 86 7.11 -6.74 7.74
C ALA A 86 8.36 -5.98 8.18
N PRO A 87 8.41 -5.45 9.42
CA PRO A 87 9.56 -4.60 9.80
C PRO A 87 10.94 -5.25 9.64
N ALA A 88 11.06 -6.54 9.96
CA ALA A 88 12.34 -7.25 9.83
C ALA A 88 12.85 -7.38 8.38
N ALA A 89 11.92 -7.31 7.43
CA ALA A 89 12.21 -7.49 6.01
C ALA A 89 12.27 -6.19 5.19
N ARG A 90 12.31 -5.04 5.85
CA ARG A 90 12.32 -3.77 5.13
C ARG A 90 13.70 -3.45 4.58
N GLY A 91 13.70 -2.64 3.52
CA GLY A 91 14.93 -2.24 2.84
C GLY A 91 15.54 -3.30 1.94
N LEU A 92 14.80 -4.38 1.68
CA LEU A 92 15.30 -5.54 0.92
C LEU A 92 14.61 -5.73 -0.45
N GLY A 93 13.78 -4.77 -0.85
CA GLY A 93 13.10 -4.83 -2.14
C GLY A 93 11.72 -5.45 -2.16
N VAL A 94 11.13 -5.72 -0.98
CA VAL A 94 9.79 -6.33 -0.94
C VAL A 94 8.74 -5.40 -1.54
N ALA A 95 8.73 -4.14 -1.11
CA ALA A 95 7.75 -3.18 -1.66
C ALA A 95 8.00 -2.88 -3.15
N ARG A 96 9.26 -2.74 -3.55
N ARG A 96 9.26 -2.72 -3.55
CA ARG A 96 9.61 -2.55 -4.96
CA ARG A 96 9.58 -2.55 -4.97
C ARG A 96 9.06 -3.68 -5.83
C ARG A 96 8.99 -3.69 -5.81
N TYR A 97 9.22 -4.92 -5.35
CA TYR A 97 8.68 -6.10 -6.01
C TYR A 97 7.16 -6.06 -6.08
N LEU A 98 6.52 -5.82 -4.94
CA LEU A 98 5.08 -5.87 -4.88
C LEU A 98 4.43 -4.75 -5.69
N ILE A 99 5.02 -3.56 -5.68
CA ILE A 99 4.51 -2.49 -6.52
C ILE A 99 4.60 -2.82 -8.01
N GLY A 100 5.69 -3.46 -8.43
CA GLY A 100 5.78 -3.96 -9.80
C GLY A 100 4.66 -4.93 -10.15
N VAL A 101 4.36 -5.83 -9.23
CA VAL A 101 3.24 -6.78 -9.40
C VAL A 101 1.91 -6.04 -9.54
N MET A 102 1.71 -5.04 -8.68
CA MET A 102 0.48 -4.25 -8.71
C MET A 102 0.36 -3.42 -9.99
N GLU A 103 1.47 -2.87 -10.46
CA GLU A 103 1.48 -2.19 -11.77
C GLU A 103 1.04 -3.11 -12.91
N ASN A 104 1.54 -4.36 -12.91
CA ASN A 104 1.15 -5.34 -13.91
C ASN A 104 -0.33 -5.66 -13.80
N LEU A 105 -0.82 -5.82 -12.58
CA LEU A 105 -2.24 -6.10 -12.36
C LEU A 105 -3.14 -4.94 -12.86
N ALA A 106 -2.77 -3.71 -12.54
CA ALA A 106 -3.49 -2.55 -13.03
C ALA A 106 -3.53 -2.51 -14.57
N ARG A 107 -2.39 -2.77 -15.20
CA ARG A 107 -2.29 -2.83 -16.66
C ARG A 107 -3.14 -3.95 -17.26
N GLU A 108 -3.03 -5.14 -16.69
CA GLU A 108 -3.59 -6.34 -17.30
C GLU A 108 -5.07 -6.52 -17.01
N GLN A 109 -5.48 -6.33 -15.75
CA GLN A 109 -6.90 -6.49 -15.35
C GLN A 109 -7.75 -5.23 -15.52
N TYR A 110 -7.16 -4.05 -15.31
CA TYR A 110 -7.92 -2.80 -15.37
C TYR A 110 -7.61 -1.91 -16.59
N LYS A 111 -6.69 -2.34 -17.45
CA LYS A 111 -6.27 -1.55 -18.63
C LYS A 111 -5.89 -0.13 -18.23
N ALA A 112 -5.27 -0.02 -17.06
CA ALA A 112 -4.93 1.28 -16.50
C ALA A 112 -3.77 1.89 -17.28
N ARG A 113 -3.85 3.20 -17.53
CA ARG A 113 -2.76 3.98 -18.11
C ARG A 113 -1.90 4.67 -17.08
N LEU A 114 -2.35 4.66 -15.84
CA LEU A 114 -1.76 5.45 -14.78
C LEU A 114 -1.95 4.72 -13.45
N MET A 115 -0.92 4.74 -12.61
CA MET A 115 -1.06 4.36 -11.21
C MET A 115 -0.93 5.61 -10.35
N LYS A 116 -1.88 5.79 -9.44
CA LYS A 116 -1.86 6.85 -8.44
C LYS A 116 -1.39 6.27 -7.10
N ILE A 117 -0.44 6.94 -6.44
CA ILE A 117 -0.06 6.58 -5.08
C ILE A 117 0.00 7.90 -4.29
N SER A 118 -0.68 7.93 -3.15
CA SER A 118 -0.65 9.06 -2.25
C SER A 118 0.10 8.67 -0.98
N CYS A 119 0.94 9.58 -0.49
CA CYS A 119 1.85 9.30 0.61
C CYS A 119 1.90 10.49 1.55
N PHE A 120 1.71 10.25 2.84
CA PHE A 120 1.76 11.33 3.84
C PHE A 120 3.16 11.91 3.98
N ASN A 121 3.20 13.20 4.30
CA ASN A 121 4.46 13.93 4.28
C ASN A 121 5.52 13.36 5.21
N ALA A 122 5.11 12.87 6.39
CA ALA A 122 6.09 12.35 7.34
C ALA A 122 6.74 11.03 6.92
N ASN A 123 6.15 10.37 5.92
CA ASN A 123 6.56 9.04 5.49
C ASN A 123 7.69 9.14 4.45
N ALA A 124 8.88 9.53 4.92
CA ALA A 124 10.02 9.70 4.02
C ALA A 124 10.37 8.41 3.27
N ALA A 125 10.25 7.27 3.95
CA ALA A 125 10.57 5.99 3.32
C ALA A 125 9.68 5.74 2.09
N GLY A 126 8.38 6.02 2.23
CA GLY A 126 7.45 5.93 1.12
C GLY A 126 7.78 6.90 0.00
N LEU A 127 7.95 8.17 0.34
CA LEU A 127 8.21 9.19 -0.69
C LEU A 127 9.45 8.84 -1.52
N LEU A 128 10.50 8.39 -0.84
CA LEU A 128 11.74 8.02 -1.52
C LEU A 128 11.54 6.76 -2.39
N LEU A 129 10.80 5.76 -1.88
CA LEU A 129 10.50 4.55 -2.66
C LEU A 129 9.79 4.91 -3.96
N TYR A 130 8.69 5.66 -3.85
CA TYR A 130 7.88 5.93 -5.04
C TYR A 130 8.67 6.77 -6.04
N THR A 131 9.52 7.67 -5.54
CA THR A 131 10.40 8.44 -6.43
C THR A 131 11.34 7.53 -7.22
N GLN A 132 11.94 6.56 -6.52
CA GLN A 132 12.85 5.61 -7.18
C GLN A 132 12.13 4.76 -8.23
N LEU A 133 10.84 4.48 -8.01
CA LEU A 133 10.03 3.72 -8.96
C LEU A 133 9.42 4.54 -10.11
N GLY A 134 9.74 5.84 -10.17
CA GLY A 134 9.35 6.68 -11.30
C GLY A 134 8.06 7.45 -11.11
N TYR A 135 7.55 7.48 -9.88
CA TYR A 135 6.37 8.27 -9.53
C TYR A 135 6.79 9.73 -9.38
N GLN A 136 5.94 10.64 -9.85
CA GLN A 136 6.16 12.08 -9.74
C GLN A 136 5.09 12.71 -8.89
N PRO A 137 5.45 13.75 -8.10
CA PRO A 137 4.42 14.42 -7.33
C PRO A 137 3.57 15.31 -8.21
N ARG A 138 2.26 15.30 -7.98
CA ARG A 138 1.31 16.10 -8.75
C ARG A 138 0.60 17.17 -7.93
N ALA A 139 0.23 16.85 -6.70
CA ALA A 139 -0.49 17.79 -5.85
C ALA A 139 -0.30 17.45 -4.40
N ILE A 140 -0.65 18.40 -3.55
CA ILE A 140 -0.61 18.23 -2.10
C ILE A 140 -1.98 18.60 -1.55
N ALA A 141 -2.54 17.70 -0.74
CA ALA A 141 -3.84 17.90 -0.10
C ALA A 141 -3.67 17.94 1.41
N GLU A 142 -4.48 18.76 2.09
CA GLU A 142 -4.48 18.76 3.55
C GLU A 142 -5.27 17.58 4.10
N ARG A 143 -4.73 16.96 5.15
CA ARG A 143 -5.44 15.95 5.92
C ARG A 143 -5.17 16.21 7.39
N HIS A 144 -5.83 15.44 8.24
CA HIS A 144 -5.60 15.48 9.68
C HIS A 144 -5.20 14.12 10.21
N ASP A 145 -4.24 14.11 11.14
CA ASP A 145 -3.78 12.89 11.78
C ASP A 145 -4.70 12.56 12.98
N PRO A 146 -4.46 11.43 13.68
CA PRO A 146 -5.35 11.04 14.78
C PRO A 146 -5.44 12.01 15.97
N ASP A 147 -4.42 12.87 16.14
CA ASP A 147 -4.44 13.90 17.17
C ASP A 147 -5.04 15.23 16.67
N GLY A 148 -5.62 15.23 15.47
CA GLY A 148 -6.19 16.45 14.89
C GLY A 148 -5.16 17.43 14.34
N ARG A 149 -3.91 16.98 14.21
CA ARG A 149 -2.86 17.84 13.68
C ARG A 149 -2.86 17.76 12.15
N ARG A 150 -2.59 18.90 11.53
CA ARG A 150 -2.65 19.01 10.08
C ARG A 150 -1.41 18.46 9.43
N VAL A 151 -1.64 17.61 8.43
CA VAL A 151 -0.56 16.97 7.66
C VAL A 151 -0.80 17.18 6.17
N ALA A 152 0.21 16.87 5.38
CA ALA A 152 0.15 17.05 3.92
C ALA A 152 0.20 15.69 3.23
N LEU A 153 -0.79 15.42 2.39
CA LEU A 153 -0.84 14.19 1.61
C LEU A 153 -0.29 14.50 0.22
N ILE A 154 0.83 13.86 -0.12
CA ILE A 154 1.51 14.08 -1.40
C ILE A 154 0.95 13.09 -2.43
N GLN A 155 0.27 13.61 -3.45
CA GLN A 155 -0.44 12.79 -4.42
C GLN A 155 0.46 12.64 -5.63
N MET A 156 0.87 11.41 -5.90
CA MET A 156 1.85 11.10 -6.93
C MET A 156 1.25 10.19 -7.98
N ASP A 157 1.86 10.14 -9.16
CA ASP A 157 1.41 9.20 -10.19
C ASP A 157 2.53 8.79 -11.15
N LYS A 158 2.24 7.77 -11.97
CA LYS A 158 3.20 7.21 -12.92
C LYS A 158 2.44 6.63 -14.10
N PRO A 159 2.85 6.93 -15.33
CA PRO A 159 2.20 6.27 -16.47
C PRO A 159 2.56 4.79 -16.55
N LEU A 160 1.59 4.00 -16.96
CA LEU A 160 1.73 2.58 -17.20
C LEU A 160 1.50 2.31 -18.69
N GLU A 161 2.47 1.64 -19.29
CA GLU A 161 2.41 1.14 -20.68
C GLU A 161 2.76 2.20 -21.71
S SO4 B . -10.56 -8.94 -6.56
O1 SO4 B . -10.89 -8.33 -5.26
O2 SO4 B . -10.41 -10.40 -6.40
O3 SO4 B . -11.63 -8.67 -7.55
O4 SO4 B . -9.28 -8.38 -7.05
S SO4 C . -9.15 14.87 7.00
O1 SO4 C . -10.07 14.89 8.16
O2 SO4 C . -8.03 13.92 7.27
O3 SO4 C . -9.89 14.44 5.79
O4 SO4 C . -8.66 16.25 6.81
S SO4 D . 5.14 15.51 -16.69
O1 SO4 D . 5.17 16.88 -16.14
O2 SO4 D . 5.58 14.56 -15.64
O3 SO4 D . 3.78 15.16 -17.13
O4 SO4 D . 6.07 15.41 -17.82
S SO4 E . -15.71 -3.53 -10.77
O1 SO4 E . -16.03 -2.09 -10.59
O2 SO4 E . -15.57 -4.18 -9.45
O3 SO4 E . -16.80 -4.18 -11.53
O4 SO4 E . -14.44 -3.66 -11.53
S SO4 F . 3.46 -10.39 -12.55
O1 SO4 F . 3.86 -9.09 -11.96
O2 SO4 F . 4.15 -11.50 -11.84
O3 SO4 F . 2.00 -10.55 -12.40
O4 SO4 F . 3.81 -10.41 -13.98
S SO4 G . -8.46 15.90 -2.25
O1 SO4 G . -7.71 14.61 -2.24
O2 SO4 G . -8.47 16.47 -0.89
O3 SO4 G . -9.84 15.64 -2.70
O4 SO4 G . -7.79 16.84 -3.18
O3 93M H . -9.87 6.99 2.42
C4 93M H . -0.39 4.06 0.91
C5 93M H . -2.43 5.12 1.74
O4 93M H . -7.15 10.07 0.69
C6 93M H . -3.06 6.50 1.87
N1 93M H . -1.19 5.12 0.97
C7 93M H . -3.91 6.89 0.68
C8 93M H . -4.61 8.24 0.84
N2 93M H . -6.88 7.30 1.05
C9 93M H . -5.93 8.24 1.62
O5 93M H . -6.29 10.30 2.72
C10 93M H . -7.10 6.08 1.55
O6 93M H . 5.86 -0.91 5.37
C11 93M H . -8.25 5.30 0.94
C12 93M H . -10.05 6.91 1.20
N3 93M H . -9.31 6.14 0.42
C13 93M H . -11.16 7.69 0.53
O7 93M H . 8.85 0.91 5.15
C14 93M H . -11.62 7.04 -0.76
O8 93M H . 8.89 -1.03 2.02
C15 93M H . -12.12 5.74 -0.76
N4 93M H . 6.40 1.12 6.20
O16 93M H . 17.04 0.69 -1.57
O16 93M H . 17.78 1.66 -2.51
P2 93M H . 17.07 1.88 -2.44
P2 93M H . 16.63 1.87 -3.42
O17 93M H . 18.11 2.89 -2.05
O17 93M H . 16.16 0.62 -4.14
O18 93M H . 17.22 1.51 -3.89
O18 93M H . 16.94 2.94 -4.45
O15 93M H . 15.72 2.67 -2.35
O15 93M H . 15.36 2.41 -2.59
C31 93M H . 14.91 2.58 -1.16
C31 93M H . 14.93 1.83 -1.34
C32 93M H . 14.32 3.93 -0.85
C32 93M H . 15.64 2.42 -0.14
O19 93M H . 14.04 4.61 -2.06
O19 93M H . 16.99 2.76 -0.46
C33 93M H . 13.04 3.53 -0.13
C33 93M H . 14.78 3.67 0.11
N5 93M H . 13.23 3.24 1.29
N5 93M H . 14.71 4.10 1.51
C38 93M H . 12.77 2.16 1.99
C38 93M H . 14.79 5.39 1.97
N8 93M H . 13.06 2.19 3.27
N8 93M H . 14.71 5.50 3.28
C37 93M H . 13.76 3.38 3.41
C37 93M H . 14.55 4.19 3.70
C36 93M H . 14.32 4.03 4.53
C36 93M H . 14.41 3.63 4.98
N9 93M H . 14.28 3.54 5.77
N9 93M H . 14.44 4.33 6.11
N7 93M H . 14.92 5.22 4.33
N7 93M H . 14.30 2.28 5.06
C35 93M H . 14.97 5.72 3.10
C35 93M H . 14.31 1.57 3.94
N6 93M H . 14.47 5.21 1.97
N6 93M H . 14.43 2.00 2.68
C34 93M H . 13.88 4.03 2.20
C34 93M H . 14.55 3.32 2.63
O20 93M H . 12.59 2.35 -0.76
O20 93M H . 13.47 3.36 -0.32
C30 93M H . 13.70 1.72 -1.44
C30 93M H . 13.46 2.14 -1.09
C29 93M H . 13.84 0.31 -0.96
C29 93M H . 12.73 1.08 -0.31
O14 93M H . 12.60 -0.28 -1.31
O14 93M H . 12.74 -0.15 -1.05
P1 93M H . 11.97 -1.55 -0.57
P1 93M H . 12.05 -1.49 -0.54
O12 93M H . 13.01 -2.35 0.10
O12 93M H . 13.02 -2.38 0.12
O13 93M H . 11.27 -2.42 -1.59
O13 93M H . 11.42 -2.22 -1.71
O11 93M H . 10.92 -1.01 0.48
O11 93M H . 10.91 -1.02 0.47
P 93M H . 10.29 -1.69 1.78
O9 93M H . 11.18 -1.58 2.94
O10 93M H . 10.07 -3.13 1.41
C28 93M H . 8.74 0.40 2.18
C25 93M H . 7.56 0.66 3.11
C26 93M H . 7.34 2.18 3.18
C27 93M H . 6.32 -0.01 2.52
C24 93M H . 7.85 0.12 4.53
C23 93M H . 6.61 0.07 5.41
C22 93M H . 5.24 1.23 7.07
C21 93M H . 3.96 1.41 6.28
C 93M H . 4.09 2.50 5.24
O 93M H . 4.62 3.57 5.50
N 93M H . 3.59 2.20 4.04
C1 93M H . 3.60 3.13 2.92
C2 93M H . 2.21 3.73 2.70
S 93M H . 2.21 4.96 1.37
C3 93M H . 0.96 4.28 0.24
O1 93M H . -0.69 2.95 1.36
C20 93M H . -6.52 9.63 1.63
O2 93M H . -6.43 5.59 2.45
C19 93M H . -11.55 7.71 -1.97
C18 93M H . -11.97 7.12 -3.14
C17 93M H . -12.47 5.84 -3.12
C16 93M H . -12.54 5.15 -1.94
#